data_6MKZ
#
_entry.id   6MKZ
#
_cell.length_a   61.499
_cell.length_b   88.478
_cell.length_c   155.158
_cell.angle_alpha   90.000
_cell.angle_beta   90.000
_cell.angle_gamma   90.000
#
_symmetry.space_group_name_H-M   'P 21 21 21'
#
loop_
_entity.id
_entity.type
_entity.pdbx_description
1 polymer 'Tumor necrosis factor ligand superfamily member 9'
2 polymer 'Tumor necrosis factor receptor superfamily member 9'
3 branched beta-D-mannopyranose-(1-4)-2-acetamido-2-deoxy-beta-D-glucopyranose-(1-4)-2-acetamido-2-deoxy-beta-D-glucopyranose
4 water water
#
loop_
_entity_poly.entity_id
_entity_poly.type
_entity_poly.pdbx_seq_one_letter_code
_entity_poly.pdbx_strand_id
1 'polypeptide(L)'
;NTTQQGSPVFAKLLAKNQASLCNTTLNWHSQDGAGSSYLSQGLRYEEDKKELVVDSPGLYYVFLELKLSPTFTNTGHKVQ
GWVSLVLQAKPQVDDFDNLALTVELFPCSMENKLVDRSWSQLLLLKAGHRLSVGLRAYLHGAQDAYRDWELSYPNTTSFG
LFLVKPDNPWE
;
A,C
2 'polypeptide(L)'
;DPVQNSCDNCQPGTFCRKYNPVCKSCPPSTFSSIGGQPNCNICRVCAGYFRFKKFCSSTHNAECECIEGFHCLGPQCTRC
EKDCRPGQELTKQGCKTCSLGTFNDQNGTGVCRPWTNCSLDGRSVLKTGTTEKDVVCGP
;
B,D
#
loop_
_chem_comp.id
_chem_comp.type
_chem_comp.name
_chem_comp.formula
BMA D-saccharide, beta linking beta-D-mannopyranose 'C6 H12 O6'
NAG D-saccharide, beta linking 2-acetamido-2-deoxy-beta-D-glucopyranose 'C8 H15 N O6'
#
# COMPACT_ATOMS: atom_id res chain seq x y z
N GLY A 6 1.24 -29.89 4.53
CA GLY A 6 -0.02 -30.17 3.85
C GLY A 6 -0.47 -29.05 2.95
N SER A 7 -1.79 -28.77 2.94
CA SER A 7 -2.43 -27.73 2.12
C SER A 7 -2.04 -26.31 2.56
N PRO A 8 -1.92 -25.33 1.62
CA PRO A 8 -1.56 -23.95 2.01
C PRO A 8 -2.61 -23.28 2.89
N VAL A 9 -2.15 -22.46 3.85
CA VAL A 9 -3.03 -21.75 4.76
C VAL A 9 -3.07 -20.30 4.31
N PHE A 10 -4.24 -19.84 3.85
CA PHE A 10 -4.44 -18.49 3.34
C PHE A 10 -5.83 -17.96 3.65
N ALA A 11 -5.93 -16.66 3.94
CA ALA A 11 -7.20 -15.95 4.17
C ALA A 11 -7.13 -14.54 3.64
N LYS A 12 -8.23 -14.08 3.06
CA LYS A 12 -8.41 -12.70 2.60
C LYS A 12 -9.85 -12.39 2.89
N LEU A 13 -10.07 -11.63 3.96
CA LEU A 13 -11.39 -11.24 4.42
C LEU A 13 -11.67 -9.80 4.01
N LEU A 14 -12.94 -9.48 3.76
CA LEU A 14 -13.38 -8.14 3.36
C LEU A 14 -14.16 -7.53 4.49
N ALA A 15 -14.02 -6.22 4.75
CA ALA A 15 -14.76 -5.53 5.81
C ALA A 15 -16.27 -5.62 5.56
N LYS A 16 -16.99 -6.19 6.56
CA LYS A 16 -18.44 -6.43 6.56
C LYS A 16 -19.19 -5.29 7.24
N ASN A 17 -20.28 -4.86 6.57
CA ASN A 17 -21.25 -3.83 6.93
C ASN A 17 -20.64 -2.64 7.66
N GLN A 18 -19.68 -1.93 7.01
CA GLN A 18 -19.04 -0.76 7.59
C GLN A 18 -18.83 0.38 6.59
N ALA A 19 -19.13 1.59 7.03
CA ALA A 19 -18.98 2.82 6.26
C ALA A 19 -18.43 3.90 7.19
N SER A 20 -19.18 4.24 8.25
CA SER A 20 -18.85 5.24 9.28
C SER A 20 -17.53 4.93 9.96
N LEU A 21 -16.79 5.98 10.33
CA LEU A 21 -15.48 5.80 10.95
C LEU A 21 -15.58 5.90 12.48
N CYS A 22 -16.03 4.79 13.07
CA CYS A 22 -16.23 4.59 14.50
C CYS A 22 -14.93 4.09 15.16
N ASN A 23 -14.98 3.91 16.50
CA ASN A 23 -13.88 3.34 17.28
C ASN A 23 -14.39 2.00 17.82
N THR A 24 -14.43 0.98 16.92
CA THR A 24 -14.90 -0.38 17.21
C THR A 24 -14.00 -1.42 16.51
N THR A 25 -14.28 -2.71 16.77
CA THR A 25 -13.59 -3.83 16.16
C THR A 25 -14.40 -4.23 14.94
N LEU A 26 -13.79 -4.18 13.75
CA LEU A 26 -14.40 -4.49 12.46
C LEU A 26 -14.88 -5.93 12.33
N ASN A 27 -15.95 -6.10 11.54
CA ASN A 27 -16.52 -7.37 11.16
C ASN A 27 -16.05 -7.66 9.76
N TRP A 28 -15.98 -8.94 9.38
CA TRP A 28 -15.43 -9.37 8.11
C TRP A 28 -16.29 -10.42 7.42
N HIS A 29 -16.32 -10.38 6.07
CA HIS A 29 -16.92 -11.38 5.20
C HIS A 29 -15.91 -12.52 5.08
N SER A 30 -16.34 -13.75 5.41
CA SER A 30 -15.47 -14.94 5.37
C SER A 30 -16.12 -16.09 4.60
N GLN A 31 -17.44 -16.06 4.41
CA GLN A 31 -18.14 -17.13 3.71
C GLN A 31 -17.81 -17.13 2.22
N ASP A 32 -17.72 -18.32 1.65
CA ASP A 32 -17.48 -18.55 0.23
C ASP A 32 -18.62 -17.87 -0.54
N GLY A 33 -18.28 -17.07 -1.53
CA GLY A 33 -19.26 -16.34 -2.32
C GLY A 33 -19.54 -14.94 -1.80
N ALA A 34 -18.90 -14.55 -0.67
CA ALA A 34 -19.04 -13.20 -0.11
C ALA A 34 -17.97 -12.29 -0.71
N GLY A 35 -18.18 -11.90 -1.97
CA GLY A 35 -17.23 -11.10 -2.74
C GLY A 35 -16.02 -11.93 -3.03
N SER A 36 -14.83 -11.35 -2.89
CA SER A 36 -13.60 -12.10 -3.13
C SER A 36 -13.10 -12.83 -1.87
N SER A 37 -13.84 -12.77 -0.73
CA SER A 37 -13.46 -13.44 0.53
C SER A 37 -13.06 -14.90 0.35
N TYR A 38 -11.92 -15.27 0.96
CA TYR A 38 -11.37 -16.61 0.95
C TYR A 38 -10.90 -16.98 2.34
N LEU A 39 -11.23 -18.21 2.77
CA LEU A 39 -10.84 -18.79 4.05
C LEU A 39 -10.45 -20.24 3.84
N SER A 40 -9.15 -20.56 3.90
CA SER A 40 -8.66 -21.92 3.69
C SER A 40 -8.91 -22.82 4.95
N GLN A 41 -8.50 -24.10 4.89
CA GLN A 41 -8.57 -25.03 6.01
C GLN A 41 -7.45 -24.65 7.01
N GLY A 42 -7.68 -24.88 8.29
CA GLY A 42 -6.69 -24.49 9.30
C GLY A 42 -6.92 -23.06 9.74
N LEU A 43 -8.01 -22.47 9.24
CA LEU A 43 -8.45 -21.13 9.59
C LEU A 43 -9.94 -21.13 9.83
N ARG A 44 -10.35 -20.31 10.79
CA ARG A 44 -11.76 -20.15 11.17
C ARG A 44 -12.05 -18.67 11.37
N TYR A 45 -13.30 -18.27 11.17
CA TYR A 45 -13.73 -16.92 11.49
C TYR A 45 -14.95 -16.99 12.40
N GLU A 46 -14.78 -16.51 13.65
CA GLU A 46 -15.84 -16.46 14.65
C GLU A 46 -16.54 -15.10 14.51
N GLU A 47 -17.69 -15.09 13.84
CA GLU A 47 -18.49 -13.89 13.55
C GLU A 47 -18.84 -13.10 14.83
N ASP A 48 -19.34 -13.79 15.87
CA ASP A 48 -19.77 -13.18 17.13
C ASP A 48 -18.61 -12.52 17.92
N LYS A 49 -17.37 -13.00 17.76
CA LYS A 49 -16.21 -12.46 18.46
C LYS A 49 -15.33 -11.63 17.51
N LYS A 50 -15.69 -11.61 16.20
CA LYS A 50 -15.01 -10.89 15.12
C LYS A 50 -13.51 -11.28 15.05
N GLU A 51 -13.23 -12.59 15.27
CA GLU A 51 -11.86 -13.09 15.31
C GLU A 51 -11.59 -14.17 14.26
N LEU A 52 -10.39 -14.09 13.68
CA LEU A 52 -9.80 -15.07 12.77
C LEU A 52 -8.96 -16.01 13.64
N VAL A 53 -9.31 -17.31 13.67
CA VAL A 53 -8.61 -18.31 14.47
C VAL A 53 -7.66 -19.14 13.57
N VAL A 54 -6.36 -19.06 13.89
CA VAL A 54 -5.25 -19.77 13.25
C VAL A 54 -5.13 -21.14 13.94
N ASP A 55 -5.26 -22.26 13.20
CA ASP A 55 -5.18 -23.60 13.83
C ASP A 55 -3.75 -24.08 14.06
N SER A 56 -2.87 -23.88 13.06
CA SER A 56 -1.48 -24.36 13.08
C SER A 56 -0.47 -23.24 13.42
N PRO A 57 0.55 -23.51 14.25
CA PRO A 57 1.54 -22.46 14.55
C PRO A 57 2.61 -22.31 13.46
N GLY A 58 3.21 -21.13 13.38
CA GLY A 58 4.26 -20.84 12.41
C GLY A 58 4.41 -19.36 12.10
N LEU A 59 5.27 -19.04 11.12
CA LEU A 59 5.49 -17.68 10.67
C LEU A 59 4.44 -17.32 9.60
N TYR A 60 3.60 -16.30 9.93
CA TYR A 60 2.50 -15.84 9.08
C TYR A 60 2.77 -14.48 8.52
N TYR A 61 2.51 -14.29 7.22
CA TYR A 61 2.58 -12.98 6.56
C TYR A 61 1.21 -12.36 6.68
N VAL A 62 1.03 -11.44 7.65
CA VAL A 62 -0.28 -10.81 7.92
C VAL A 62 -0.34 -9.45 7.20
N PHE A 63 -1.46 -9.15 6.52
CA PHE A 63 -1.63 -7.91 5.78
C PHE A 63 -2.99 -7.26 6.01
N LEU A 64 -3.02 -5.93 5.94
CA LEU A 64 -4.17 -5.05 6.09
C LEU A 64 -4.15 -4.04 4.97
N GLU A 65 -5.32 -3.70 4.43
CA GLU A 65 -5.43 -2.72 3.36
C GLU A 65 -6.61 -1.81 3.67
N LEU A 66 -6.34 -0.52 3.91
CA LEU A 66 -7.34 0.47 4.27
C LEU A 66 -7.72 1.30 3.08
N LYS A 67 -9.02 1.33 2.78
CA LYS A 67 -9.56 2.06 1.64
C LYS A 67 -10.63 3.02 2.13
N LEU A 68 -10.40 4.35 1.94
CA LEU A 68 -11.28 5.45 2.37
C LEU A 68 -11.74 6.30 1.21
N SER A 69 -12.95 6.86 1.31
CA SER A 69 -13.52 7.74 0.28
C SER A 69 -14.25 8.91 0.88
N PRO A 70 -14.12 10.12 0.27
CA PRO A 70 -14.84 11.27 0.83
C PRO A 70 -16.32 11.17 0.53
N THR A 71 -17.15 11.74 1.40
CA THR A 71 -18.60 11.68 1.29
C THR A 71 -19.22 13.03 0.91
N PHE A 72 -18.50 14.12 1.20
CA PHE A 72 -18.97 15.48 0.99
C PHE A 72 -18.29 16.11 -0.24
N THR A 73 -18.94 17.15 -0.79
CA THR A 73 -18.54 17.91 -1.98
C THR A 73 -17.93 19.28 -1.65
N ASN A 74 -18.42 20.00 -0.61
CA ASN A 74 -17.92 21.34 -0.25
C ASN A 74 -16.42 21.29 0.15
N THR A 75 -15.61 21.96 -0.68
CA THR A 75 -14.15 22.08 -0.57
C THR A 75 -13.75 23.24 0.35
N GLY A 76 -14.72 24.10 0.67
CA GLY A 76 -14.55 25.27 1.52
C GLY A 76 -14.23 24.98 2.97
N HIS A 77 -14.61 23.80 3.48
CA HIS A 77 -14.36 23.43 4.87
C HIS A 77 -13.29 22.34 4.98
N LYS A 78 -12.11 22.77 5.47
CA LYS A 78 -10.89 21.99 5.63
C LYS A 78 -11.05 20.89 6.68
N VAL A 79 -10.91 19.62 6.24
CA VAL A 79 -11.02 18.42 7.07
C VAL A 79 -9.67 17.73 7.15
N GLN A 80 -9.15 17.57 8.36
CA GLN A 80 -7.87 16.91 8.58
C GLN A 80 -8.00 15.83 9.66
N GLY A 81 -7.03 14.92 9.71
CA GLY A 81 -6.98 13.87 10.71
C GLY A 81 -6.26 12.61 10.28
N TRP A 82 -6.63 11.49 10.91
CA TRP A 82 -6.07 10.19 10.61
C TRP A 82 -7.09 9.07 10.84
N VAL A 83 -6.91 7.96 10.11
CA VAL A 83 -7.67 6.72 10.21
C VAL A 83 -6.62 5.61 10.39
N SER A 84 -6.96 4.62 11.22
CA SER A 84 -6.06 3.52 11.54
C SER A 84 -6.77 2.16 11.61
N LEU A 85 -6.04 1.11 11.19
CA LEU A 85 -6.40 -0.31 11.30
C LEU A 85 -5.38 -0.97 12.22
N VAL A 86 -5.82 -1.52 13.36
CA VAL A 86 -4.92 -2.10 14.34
C VAL A 86 -5.17 -3.60 14.48
N LEU A 87 -4.08 -4.39 14.37
CA LEU A 87 -4.12 -5.84 14.54
C LEU A 87 -4.15 -6.16 16.04
N GLN A 88 -5.18 -6.92 16.45
CA GLN A 88 -5.43 -7.34 17.83
C GLN A 88 -5.19 -8.84 17.95
N ALA A 89 -4.20 -9.25 18.76
CA ALA A 89 -3.87 -10.66 18.98
C ALA A 89 -4.27 -11.08 20.38
N LYS A 90 -5.20 -12.05 20.52
CA LYS A 90 -5.68 -12.56 21.81
C LYS A 90 -4.58 -13.41 22.50
N PRO A 91 -3.92 -14.41 21.86
CA PRO A 91 -2.82 -15.13 22.55
C PRO A 91 -1.56 -14.27 22.66
N GLN A 92 -1.60 -13.08 22.03
CA GLN A 92 -0.59 -12.02 21.98
C GLN A 92 0.66 -12.41 21.20
N VAL A 93 1.32 -11.39 20.63
CA VAL A 93 2.52 -11.54 19.80
C VAL A 93 3.50 -10.37 20.08
N ASP A 94 4.75 -10.52 19.65
CA ASP A 94 5.80 -9.51 19.73
C ASP A 94 5.75 -8.70 18.43
N ASP A 95 5.84 -7.35 18.53
CA ASP A 95 5.78 -6.49 17.35
C ASP A 95 7.00 -5.56 17.25
N PHE A 96 7.61 -5.52 16.05
CA PHE A 96 8.76 -4.66 15.71
C PHE A 96 8.29 -3.23 15.48
N ASP A 97 7.11 -3.07 14.81
CA ASP A 97 6.46 -1.80 14.50
C ASP A 97 5.05 -1.78 15.10
N ASN A 98 4.78 -0.81 16.00
CA ASN A 98 3.50 -0.65 16.69
C ASN A 98 2.51 0.10 15.78
N ALA A 100 0.07 -1.45 13.41
CA ALA A 100 -1.04 -0.58 13.03
C ALA A 100 -0.79 0.16 11.71
N LEU A 101 -1.81 0.16 10.84
CA LEU A 101 -1.85 0.81 9.55
C LEU A 101 -2.45 2.17 9.78
N THR A 102 -1.71 3.25 9.51
CA THR A 102 -2.26 4.57 9.75
C THR A 102 -2.13 5.44 8.50
N VAL A 103 -3.26 6.09 8.15
CA VAL A 103 -3.44 7.02 7.03
C VAL A 103 -3.70 8.41 7.58
N GLU A 104 -2.95 9.41 7.11
CA GLU A 104 -3.18 10.82 7.45
C GLU A 104 -4.03 11.46 6.34
N LEU A 105 -5.07 12.21 6.73
CA LEU A 105 -5.97 12.88 5.79
C LEU A 105 -5.81 14.39 5.94
N PHE A 106 -5.76 15.07 4.80
CA PHE A 106 -5.57 16.52 4.71
C PHE A 106 -6.75 17.18 4.02
N PRO A 107 -6.94 18.51 4.23
CA PRO A 107 -8.08 19.22 3.59
C PRO A 107 -8.26 19.00 2.10
N CYS A 108 -7.17 18.71 1.36
CA CYS A 108 -7.21 18.49 -0.08
C CYS A 108 -7.36 17.02 -0.43
N SER A 109 -7.18 16.05 0.55
CA SER A 109 -7.35 14.58 0.32
C SER A 109 -8.71 14.28 -0.31
N MET A 110 -9.69 15.18 -0.11
CA MET A 110 -11.06 15.11 -0.65
C MET A 110 -11.09 15.13 -2.19
N GLU A 111 -9.97 15.52 -2.83
CA GLU A 111 -9.83 15.56 -4.30
C GLU A 111 -9.65 14.14 -4.89
N ASN A 112 -9.30 13.17 -4.03
CA ASN A 112 -9.11 11.76 -4.39
C ASN A 112 -10.41 10.97 -4.19
N LYS A 113 -10.82 10.19 -5.21
CA LYS A 113 -12.00 9.32 -5.15
C LYS A 113 -11.77 8.20 -4.12
N LEU A 114 -10.49 7.77 -3.98
CA LEU A 114 -10.08 6.73 -3.05
C LEU A 114 -8.70 7.06 -2.45
N VAL A 115 -8.61 6.93 -1.12
CA VAL A 115 -7.37 7.08 -0.37
C VAL A 115 -7.08 5.65 0.19
N ASP A 116 -6.09 4.98 -0.41
CA ASP A 116 -5.67 3.61 -0.10
C ASP A 116 -4.26 3.58 0.56
N ARG A 117 -4.04 2.62 1.48
CA ARG A 117 -2.78 2.36 2.18
C ARG A 117 -2.75 0.91 2.71
N SER A 118 -1.61 0.25 2.54
CA SER A 118 -1.38 -1.13 2.95
C SER A 118 -0.36 -1.29 4.07
N TRP A 119 -0.49 -2.40 4.79
CA TRP A 119 0.37 -2.80 5.90
C TRP A 119 0.61 -4.31 5.81
N SER A 120 1.83 -4.75 6.03
CA SER A 120 2.18 -6.19 6.01
C SER A 120 3.27 -6.49 7.05
N GLN A 121 3.17 -7.64 7.71
CA GLN A 121 4.13 -8.04 8.75
C GLN A 121 4.23 -9.56 8.90
N LEU A 122 5.47 -10.07 8.97
CA LEU A 122 5.77 -11.49 9.22
C LEU A 122 5.75 -11.70 10.72
N LEU A 123 4.77 -12.48 11.21
CA LEU A 123 4.54 -12.69 12.64
C LEU A 123 4.53 -14.15 13.04
N LEU A 124 5.11 -14.46 14.19
CA LEU A 124 5.10 -15.81 14.72
C LEU A 124 3.80 -16.01 15.49
N LEU A 125 2.94 -16.91 14.99
CA LEU A 125 1.66 -17.17 15.63
C LEU A 125 1.66 -18.58 16.25
N LYS A 126 0.96 -18.71 17.38
CA LYS A 126 0.81 -19.95 18.14
C LYS A 126 -0.44 -20.70 17.66
N ALA A 127 -0.65 -21.94 18.10
CA ALA A 127 -1.82 -22.71 17.71
C ALA A 127 -3.04 -22.13 18.41
N GLY A 128 -4.14 -21.98 17.66
CA GLY A 128 -5.38 -21.41 18.17
C GLY A 128 -5.31 -19.91 18.37
N HIS A 129 -4.42 -19.23 17.62
CA HIS A 129 -4.22 -17.79 17.70
C HIS A 129 -5.46 -17.06 17.21
N ARG A 130 -5.95 -16.12 18.03
CA ARG A 130 -7.12 -15.31 17.73
C ARG A 130 -6.65 -13.93 17.27
N LEU A 131 -7.11 -13.51 16.08
CA LEU A 131 -6.75 -12.23 15.46
C LEU A 131 -7.99 -11.43 15.08
N SER A 132 -8.06 -10.15 15.48
CA SER A 132 -9.19 -9.27 15.14
C SER A 132 -8.62 -7.90 14.75
N VAL A 133 -9.41 -7.06 14.07
CA VAL A 133 -8.92 -5.76 13.61
C VAL A 133 -9.81 -4.64 14.17
N GLY A 134 -9.13 -3.64 14.74
CA GLY A 134 -9.78 -2.46 15.30
C GLY A 134 -9.68 -1.28 14.35
N LEU A 135 -10.81 -0.57 14.18
CA LEU A 135 -10.89 0.63 13.35
C LEU A 135 -10.84 1.84 14.28
N ARG A 136 -9.82 2.67 14.08
CA ARG A 136 -9.60 3.89 14.87
C ARG A 136 -9.59 5.09 13.94
N ALA A 137 -10.09 6.22 14.42
CA ALA A 137 -10.14 7.44 13.62
C ALA A 137 -10.25 8.66 14.51
N TYR A 138 -9.63 9.77 14.08
CA TYR A 138 -9.72 11.07 14.72
C TYR A 138 -9.75 12.14 13.65
N LEU A 139 -10.95 12.67 13.39
CA LEU A 139 -11.13 13.68 12.37
C LEU A 139 -11.66 14.96 13.01
N HIS A 140 -11.11 16.08 12.56
CA HIS A 140 -11.39 17.43 13.04
C HIS A 140 -11.31 18.41 11.87
N GLY A 141 -11.74 19.65 12.12
CA GLY A 141 -11.74 20.71 11.11
C GLY A 141 -13.12 21.23 10.76
N ALA A 142 -14.16 20.44 11.09
CA ALA A 142 -15.56 20.78 10.85
C ALA A 142 -16.44 20.09 11.88
N GLN A 143 -17.70 20.56 12.05
CA GLN A 143 -18.65 19.99 13.00
C GLN A 143 -19.11 18.60 12.55
N ASP A 144 -18.97 18.33 11.25
CA ASP A 144 -19.37 17.10 10.55
C ASP A 144 -18.14 16.29 10.12
N ALA A 145 -16.98 16.51 10.79
CA ALA A 145 -15.68 15.91 10.50
C ALA A 145 -15.77 14.40 10.26
N TYR A 146 -16.37 13.66 11.23
CA TYR A 146 -16.59 12.22 11.31
C TYR A 146 -17.37 11.63 10.11
N ARG A 147 -18.29 12.41 9.54
CA ARG A 147 -19.18 12.06 8.43
C ARG A 147 -18.57 12.30 7.07
N ASP A 148 -17.51 13.14 6.97
CA ASP A 148 -16.88 13.52 5.72
C ASP A 148 -16.05 12.40 5.06
N TRP A 149 -15.64 11.36 5.81
CA TRP A 149 -14.92 10.21 5.28
C TRP A 149 -15.60 8.93 5.70
N GLU A 150 -15.52 7.94 4.83
CA GLU A 150 -16.11 6.64 5.10
C GLU A 150 -15.20 5.58 4.55
N LEU A 151 -15.37 4.31 4.99
CA LEU A 151 -14.66 3.19 4.41
C LEU A 151 -15.23 3.01 3.03
N SER A 152 -14.37 2.93 2.04
CA SER A 152 -14.72 2.87 0.63
C SER A 152 -15.62 1.67 0.27
N TYR A 153 -16.48 1.87 -0.73
CA TYR A 153 -17.38 0.86 -1.29
C TYR A 153 -17.48 1.15 -2.80
N PRO A 154 -17.36 0.17 -3.71
CA PRO A 154 -17.20 -1.27 -3.51
C PRO A 154 -15.75 -1.76 -3.27
N ASN A 155 -14.70 -0.94 -3.55
CA ASN A 155 -13.30 -1.34 -3.27
C ASN A 155 -13.17 -1.33 -1.74
N THR A 156 -13.36 -2.51 -1.16
CA THR A 156 -13.50 -2.76 0.28
C THR A 156 -12.16 -3.00 0.99
N THR A 157 -12.07 -2.45 2.22
CA THR A 157 -10.99 -2.61 3.19
C THR A 157 -10.85 -4.11 3.43
N SER A 158 -9.61 -4.63 3.46
CA SER A 158 -9.38 -6.06 3.56
C SER A 158 -8.34 -6.42 4.58
N PHE A 159 -8.38 -7.68 5.01
CA PHE A 159 -7.48 -8.24 6.01
C PHE A 159 -7.23 -9.68 5.71
N GLY A 160 -5.97 -10.07 5.72
CA GLY A 160 -5.63 -11.46 5.49
C GLY A 160 -4.25 -11.88 5.97
N LEU A 161 -3.95 -13.17 5.79
CA LEU A 161 -2.68 -13.78 6.17
C LEU A 161 -2.42 -15.03 5.35
N PHE A 162 -1.18 -15.52 5.41
CA PHE A 162 -0.75 -16.77 4.81
C PHE A 162 0.45 -17.33 5.54
N LEU A 163 0.46 -18.64 5.74
CA LEU A 163 1.50 -19.35 6.47
C LEU A 163 2.73 -19.50 5.57
N VAL A 164 3.79 -18.71 5.87
CA VAL A 164 5.04 -18.66 5.10
C VAL A 164 5.99 -19.84 5.48
N LYS A 165 6.10 -20.11 6.79
CA LYS A 165 6.94 -21.18 7.29
C LYS A 165 6.27 -21.82 8.51
N PRO A 166 5.75 -23.07 8.40
CA PRO A 166 5.18 -23.73 9.59
C PRO A 166 6.30 -24.09 10.56
N ASP A 167 6.01 -24.06 11.88
CA ASP A 167 7.01 -24.39 12.91
C ASP A 167 7.34 -25.89 12.85
N ASN A 168 6.35 -26.69 12.42
CA ASN A 168 6.48 -28.12 12.14
C ASN A 168 6.21 -28.27 10.61
N PRO A 169 7.23 -28.01 9.73
CA PRO A 169 6.96 -28.10 8.28
C PRO A 169 6.77 -29.55 7.81
N TRP A 170 7.63 -30.50 8.25
CA TRP A 170 7.55 -31.91 7.86
C TRP A 170 6.46 -32.61 8.65
N ASP B 1 42.22 -14.03 17.51
CA ASP B 1 41.71 -14.59 18.77
C ASP B 1 40.14 -14.76 18.78
N PRO B 2 39.26 -13.79 18.39
CA PRO B 2 37.80 -14.06 18.43
C PRO B 2 37.43 -15.20 17.47
N VAL B 3 36.87 -16.26 18.05
CA VAL B 3 36.67 -17.51 17.34
C VAL B 3 35.24 -18.09 17.53
N GLN B 4 34.46 -17.54 18.48
CA GLN B 4 33.12 -17.99 18.85
C GLN B 4 32.14 -18.07 17.67
N ASN B 5 31.17 -19.01 17.78
CA ASN B 5 30.09 -19.32 16.85
C ASN B 5 28.94 -18.36 17.10
N SER B 6 29.11 -17.11 16.66
CA SER B 6 28.12 -16.07 16.89
C SER B 6 28.15 -15.01 15.77
N CYS B 7 27.01 -14.37 15.55
CA CYS B 7 26.86 -13.26 14.63
C CYS B 7 27.46 -11.98 15.21
N ASP B 8 27.96 -12.01 16.46
CA ASP B 8 28.72 -10.90 17.07
C ASP B 8 30.16 -10.96 16.59
N ASN B 9 30.57 -12.13 16.07
CA ASN B 9 31.92 -12.35 15.59
C ASN B 9 31.96 -12.15 14.08
N CYS B 10 31.24 -11.16 13.59
CA CYS B 10 31.26 -10.93 12.16
C CYS B 10 31.33 -9.49 11.77
N GLN B 11 32.04 -9.28 10.66
CA GLN B 11 32.46 -7.98 10.15
C GLN B 11 31.44 -7.22 9.31
N PRO B 12 31.56 -5.87 9.21
CA PRO B 12 30.69 -5.12 8.27
C PRO B 12 30.79 -5.68 6.86
N GLY B 13 29.70 -5.59 6.11
CA GLY B 13 29.65 -6.12 4.76
C GLY B 13 29.08 -7.51 4.71
N THR B 14 28.51 -7.95 5.85
CA THR B 14 27.92 -9.28 6.00
C THR B 14 26.55 -9.23 6.68
N PHE B 15 25.80 -10.34 6.57
CA PHE B 15 24.54 -10.58 7.26
C PHE B 15 24.65 -11.96 7.89
N CYS B 16 23.98 -12.17 9.00
CA CYS B 16 24.15 -13.40 9.76
C CYS B 16 22.86 -13.75 10.52
N ARG B 17 22.52 -15.03 10.52
CA ARG B 17 21.32 -15.52 11.18
C ARG B 17 21.69 -16.19 12.49
N LYS B 18 21.15 -15.69 13.63
CA LYS B 18 21.40 -16.17 14.99
C LYS B 18 21.26 -17.68 15.15
N TYR B 19 20.20 -18.27 14.58
CA TYR B 19 19.90 -19.71 14.71
C TYR B 19 21.00 -20.59 14.11
N ASN B 20 21.62 -20.15 13.02
CA ASN B 20 22.72 -20.86 12.39
C ASN B 20 23.77 -19.84 11.89
N PRO B 21 24.65 -19.36 12.80
CA PRO B 21 25.62 -18.32 12.41
C PRO B 21 26.61 -18.69 11.30
N VAL B 22 26.43 -18.02 10.17
CA VAL B 22 27.28 -18.03 8.96
C VAL B 22 27.36 -16.58 8.57
N CYS B 23 28.46 -16.11 8.06
CA CYS B 23 28.47 -14.71 7.77
C CYS B 23 28.66 -14.45 6.35
N LYS B 24 27.53 -14.44 5.71
CA LYS B 24 27.37 -14.28 4.29
C LYS B 24 27.60 -12.82 3.88
N SER B 25 28.29 -12.60 2.74
CA SER B 25 28.54 -11.25 2.27
C SER B 25 27.25 -10.69 1.70
N CYS B 26 27.09 -9.36 1.78
CA CYS B 26 25.91 -8.66 1.35
C CYS B 26 25.57 -8.87 -0.09
N PRO B 27 24.28 -9.16 -0.45
CA PRO B 27 23.92 -9.25 -1.89
C PRO B 27 24.27 -7.96 -2.66
N PRO B 28 24.43 -8.00 -4.00
CA PRO B 28 24.77 -6.75 -4.72
C PRO B 28 23.75 -5.63 -4.44
N SER B 29 24.23 -4.36 -4.38
CA SER B 29 23.41 -3.15 -4.14
C SER B 29 22.72 -3.16 -2.73
N THR B 30 23.32 -3.85 -1.76
CA THR B 30 22.88 -3.87 -0.37
C THR B 30 24.13 -3.63 0.48
N PHE B 31 23.98 -3.16 1.73
CA PHE B 31 25.12 -2.82 2.59
C PHE B 31 24.87 -3.17 4.04
N SER B 32 25.90 -3.09 4.88
CA SER B 32 25.84 -3.36 6.31
C SER B 32 27.07 -2.76 6.97
N SER B 33 26.91 -1.68 7.72
CA SER B 33 28.05 -0.99 8.35
C SER B 33 28.46 -1.66 9.66
N ILE B 34 27.58 -2.44 10.21
CA ILE B 34 27.77 -3.23 11.43
C ILE B 34 27.73 -4.67 10.97
N GLY B 35 28.55 -5.51 11.54
CA GLY B 35 28.46 -6.91 11.16
C GLY B 35 27.38 -7.64 11.93
N GLY B 36 26.93 -8.79 11.38
CA GLY B 36 25.99 -9.72 11.99
C GLY B 36 24.60 -9.22 12.36
N GLN B 37 23.97 -8.51 11.43
CA GLN B 37 22.59 -8.08 11.47
C GLN B 37 21.87 -9.12 10.65
N PRO B 38 20.58 -9.44 10.86
CA PRO B 38 20.01 -10.58 10.11
C PRO B 38 19.90 -10.35 8.60
N ASN B 39 19.98 -9.11 8.13
CA ASN B 39 19.91 -8.75 6.72
C ASN B 39 20.82 -7.56 6.39
N CYS B 40 21.07 -7.34 5.13
CA CYS B 40 21.77 -6.16 4.67
C CYS B 40 20.70 -5.14 4.26
N ASN B 41 21.02 -3.86 4.32
CA ASN B 41 20.04 -2.82 3.96
C ASN B 41 20.16 -2.50 2.52
N ILE B 42 19.04 -2.27 1.84
CA ILE B 42 19.02 -1.89 0.43
C ILE B 42 19.68 -0.51 0.30
N CYS B 43 20.50 -0.31 -0.75
CA CYS B 43 21.18 0.95 -1.06
C CYS B 43 20.20 1.99 -1.56
N ARG B 44 20.41 3.25 -1.18
CA ARG B 44 19.71 4.43 -1.70
C ARG B 44 20.28 4.69 -3.10
N VAL B 45 19.46 5.22 -3.98
CA VAL B 45 19.82 5.53 -5.37
C VAL B 45 19.67 7.02 -5.50
N CYS B 46 20.66 7.69 -6.08
CA CYS B 46 20.61 9.14 -6.24
C CYS B 46 20.40 9.44 -7.71
N ALA B 47 19.19 9.86 -8.05
CA ALA B 47 18.77 10.19 -9.41
C ALA B 47 17.95 11.48 -9.42
N GLY B 48 17.73 12.03 -10.61
CA GLY B 48 16.93 13.23 -10.84
C GLY B 48 17.49 14.49 -10.23
N TYR B 49 16.82 15.02 -9.19
CA TYR B 49 17.26 16.17 -8.42
C TYR B 49 18.46 15.82 -7.57
N PHE B 50 18.59 14.55 -7.21
CA PHE B 50 19.69 14.06 -6.38
C PHE B 50 20.81 13.52 -7.21
N ARG B 51 22.02 13.74 -6.74
CA ARG B 51 23.23 13.25 -7.37
C ARG B 51 24.01 12.49 -6.32
N PHE B 52 25.00 11.66 -6.73
CA PHE B 52 25.81 10.97 -5.72
C PHE B 52 26.92 11.85 -5.19
N LYS B 53 27.20 11.69 -3.92
CA LYS B 53 28.35 12.16 -3.18
C LYS B 53 29.17 10.86 -2.95
N LYS B 54 28.65 9.97 -2.09
CA LYS B 54 29.23 8.65 -1.77
C LYS B 54 28.46 7.60 -2.51
N PHE B 55 29.16 6.68 -3.18
CA PHE B 55 28.49 5.58 -3.86
C PHE B 55 28.29 4.45 -2.86
N CYS B 56 27.34 3.52 -3.14
CA CYS B 56 27.09 2.38 -2.27
C CYS B 56 28.20 1.36 -2.35
N SER B 57 28.55 0.83 -1.19
CA SER B 57 29.51 -0.27 -1.03
C SER B 57 28.89 -1.24 -0.09
N SER B 58 29.51 -2.40 0.17
CA SER B 58 29.02 -3.43 1.11
C SER B 58 28.98 -2.92 2.54
N THR B 59 29.73 -1.83 2.86
CA THR B 59 29.80 -1.36 4.23
C THR B 59 29.19 -0.01 4.45
N HIS B 60 28.77 0.68 3.37
CA HIS B 60 28.13 1.99 3.51
C HIS B 60 27.12 2.27 2.42
N ASN B 61 26.06 3.01 2.79
CA ASN B 61 25.01 3.41 1.88
C ASN B 61 25.51 4.49 0.96
N ALA B 62 24.86 4.64 -0.20
CA ALA B 62 25.09 5.78 -1.05
C ALA B 62 24.62 7.00 -0.30
N GLU B 63 25.25 8.15 -0.51
CA GLU B 63 24.84 9.43 0.07
C GLU B 63 24.51 10.37 -1.07
N CYS B 64 23.38 11.08 -0.98
CA CYS B 64 22.96 12.02 -2.02
C CYS B 64 23.34 13.44 -1.67
N GLU B 65 23.31 14.25 -2.72
CA GLU B 65 23.42 15.70 -2.78
C GLU B 65 22.44 16.12 -3.85
N CYS B 66 22.18 17.44 -4.04
CA CYS B 66 21.24 17.85 -5.06
C CYS B 66 21.99 18.39 -6.22
N ILE B 67 21.41 18.28 -7.42
CA ILE B 67 22.02 18.83 -8.63
C ILE B 67 22.13 20.34 -8.51
N GLU B 68 22.96 20.94 -9.35
CA GLU B 68 23.22 22.38 -9.41
C GLU B 68 21.92 23.18 -9.44
N GLY B 69 21.83 24.19 -8.60
CA GLY B 69 20.67 25.05 -8.56
C GLY B 69 19.75 24.66 -7.44
N PHE B 70 20.01 23.50 -6.83
CA PHE B 70 19.21 22.96 -5.75
C PHE B 70 20.10 22.54 -4.60
N HIS B 71 19.58 22.57 -3.37
CA HIS B 71 20.29 22.15 -2.16
C HIS B 71 19.47 21.10 -1.38
N CYS B 72 20.13 20.34 -0.50
CA CYS B 72 19.48 19.33 0.33
C CYS B 72 18.61 19.97 1.39
N LEU B 73 17.57 19.23 1.79
CA LEU B 73 16.65 19.53 2.88
C LEU B 73 16.41 18.22 3.61
N GLY B 74 16.62 18.24 4.93
CA GLY B 74 16.47 17.05 5.74
C GLY B 74 17.78 16.48 6.21
N PRO B 75 17.76 15.58 7.22
CA PRO B 75 19.03 15.04 7.75
C PRO B 75 19.82 14.24 6.71
N GLN B 76 19.15 13.30 6.01
CA GLN B 76 19.81 12.44 5.03
C GLN B 76 19.49 12.86 3.60
N CYS B 77 19.21 14.17 3.37
CA CYS B 77 18.93 14.77 2.06
C CYS B 77 17.77 14.02 1.40
N THR B 78 16.60 14.05 2.08
CA THR B 78 15.39 13.34 1.65
C THR B 78 14.57 14.15 0.62
N ARG B 79 14.84 15.46 0.53
CA ARG B 79 14.17 16.36 -0.38
C ARG B 79 15.15 17.43 -0.90
N CYS B 80 14.86 18.00 -2.09
CA CYS B 80 15.66 19.06 -2.71
C CYS B 80 14.83 20.30 -2.77
N GLU B 81 15.46 21.44 -2.50
CA GLU B 81 14.86 22.77 -2.56
C GLU B 81 15.68 23.58 -3.50
N LYS B 82 15.01 24.44 -4.27
CA LYS B 82 15.65 25.36 -5.20
C LYS B 82 16.53 26.36 -4.42
N ASP B 83 17.70 26.71 -4.95
CA ASP B 83 18.60 27.69 -4.33
C ASP B 83 17.92 29.01 -4.30
N CYS B 84 18.15 29.74 -3.20
CA CYS B 84 17.51 30.99 -2.86
C CYS B 84 17.66 32.06 -3.94
N ARG B 85 16.71 32.96 -3.98
CA ARG B 85 16.70 34.07 -4.92
C ARG B 85 17.20 35.28 -4.15
N PRO B 86 17.49 36.45 -4.77
CA PRO B 86 17.80 37.63 -3.95
C PRO B 86 16.57 38.02 -3.12
N GLY B 87 16.77 38.47 -1.89
CA GLY B 87 15.67 38.79 -0.98
C GLY B 87 15.40 37.66 0.00
N GLN B 88 16.26 36.61 -0.05
CA GLN B 88 16.23 35.41 0.76
C GLN B 88 17.64 35.02 1.19
N GLU B 89 17.75 34.03 2.08
CA GLU B 89 19.01 33.42 2.51
C GLU B 89 18.70 32.00 2.93
N LEU B 90 19.71 31.14 2.91
CA LEU B 90 19.57 29.72 3.27
C LEU B 90 19.71 29.58 4.78
N THR B 91 18.74 28.91 5.41
CA THR B 91 18.67 28.67 6.87
C THR B 91 18.44 27.18 7.09
N LYS B 92 18.07 26.75 8.32
CA LYS B 92 17.80 25.34 8.66
C LYS B 92 16.66 24.78 7.80
N GLN B 93 15.43 25.32 7.98
CA GLN B 93 14.18 24.92 7.29
C GLN B 93 14.16 25.29 5.77
N GLY B 94 15.32 25.69 5.24
CA GLY B 94 15.49 26.10 3.85
C GLY B 94 15.39 27.59 3.59
N CYS B 95 15.24 27.98 2.31
CA CYS B 95 15.19 29.37 1.81
C CYS B 95 14.12 30.15 2.50
N LYS B 96 14.54 31.23 3.13
CA LYS B 96 13.64 32.07 3.88
C LYS B 96 13.89 33.52 3.55
N THR B 97 12.78 34.28 3.34
CA THR B 97 12.77 35.71 3.05
C THR B 97 13.48 36.48 4.16
N CYS B 98 14.32 37.45 3.78
CA CYS B 98 15.03 38.26 4.75
C CYS B 98 14.04 39.21 5.45
N SER B 99 14.16 39.32 6.81
CA SER B 99 13.31 40.05 7.79
C SER B 99 13.11 41.55 7.51
N LEU B 100 12.46 42.26 8.48
CA LEU B 100 12.17 43.71 8.43
C LEU B 100 13.46 44.50 8.38
N GLY B 101 13.58 45.29 7.32
CA GLY B 101 14.76 46.12 7.06
C GLY B 101 16.03 45.38 6.67
N THR B 102 15.91 44.16 6.09
CA THR B 102 17.09 43.39 5.67
C THR B 102 16.96 42.98 4.19
N PHE B 103 18.12 42.76 3.52
CA PHE B 103 18.16 42.43 2.09
C PHE B 103 19.39 41.61 1.68
N ASN B 104 19.26 40.77 0.64
CA ASN B 104 20.36 39.97 0.04
C ASN B 104 20.29 40.17 -1.46
N ASP B 105 21.35 40.76 -2.03
CA ASP B 105 21.47 41.12 -3.45
C ASP B 105 21.94 39.97 -4.35
N GLN B 106 22.48 38.89 -3.74
CA GLN B 106 23.00 37.74 -4.48
C GLN B 106 21.93 36.70 -4.78
N ASN B 107 22.04 36.08 -5.96
CA ASN B 107 21.14 34.99 -6.35
C ASN B 107 21.81 33.65 -6.08
N GLY B 108 21.16 32.87 -5.24
CA GLY B 108 21.51 31.50 -4.87
C GLY B 108 22.68 31.23 -3.97
N THR B 109 23.27 32.26 -3.42
CA THR B 109 24.44 32.19 -2.55
C THR B 109 24.37 33.44 -1.63
N GLY B 110 25.12 33.41 -0.54
CA GLY B 110 25.16 34.55 0.37
C GLY B 110 24.16 34.53 1.51
N VAL B 111 24.43 35.40 2.50
CA VAL B 111 23.72 35.60 3.78
C VAL B 111 23.32 37.05 3.81
N CYS B 112 22.09 37.41 4.27
CA CYS B 112 21.72 38.82 4.21
C CYS B 112 21.99 39.59 5.52
N ARG B 113 22.13 40.93 5.34
CA ARG B 113 22.44 41.97 6.32
C ARG B 113 21.44 43.16 6.21
N PRO B 114 21.35 44.10 7.21
CA PRO B 114 20.36 45.18 7.09
C PRO B 114 20.83 46.46 6.34
N TRP B 115 22.15 46.64 6.15
CA TRP B 115 22.72 47.81 5.47
C TRP B 115 24.08 47.51 4.84
N THR B 130 13.16 47.66 -0.93
CA THR B 130 12.91 46.29 -1.39
C THR B 130 13.72 45.28 -0.53
N THR B 131 13.34 43.98 -0.58
CA THR B 131 14.03 42.90 0.14
C THR B 131 15.29 42.43 -0.61
N GLU B 132 15.49 42.89 -1.86
CA GLU B 132 16.62 42.50 -2.71
C GLU B 132 17.71 43.59 -2.80
N LYS B 133 17.37 44.89 -2.60
CA LYS B 133 18.33 46.01 -2.75
C LYS B 133 18.28 47.06 -1.62
N ASP B 134 19.28 47.99 -1.65
CA ASP B 134 19.55 49.14 -0.75
C ASP B 134 20.02 48.71 0.63
N SER C 7 6.22 -27.92 1.69
CA SER C 7 6.64 -26.58 2.13
C SER C 7 5.92 -25.46 1.35
N PRO C 8 5.53 -24.34 2.04
CA PRO C 8 4.83 -23.24 1.35
C PRO C 8 5.67 -22.59 0.27
N VAL C 9 5.02 -22.14 -0.81
CA VAL C 9 5.67 -21.44 -1.90
C VAL C 9 5.35 -19.96 -1.75
N PHE C 10 6.37 -19.14 -1.43
CA PHE C 10 6.21 -17.71 -1.16
C PHE C 10 7.40 -16.90 -1.64
N ALA C 11 7.14 -15.69 -2.15
CA ALA C 11 8.16 -14.72 -2.57
C ALA C 11 7.72 -13.31 -2.28
N LYS C 12 8.66 -12.48 -1.85
CA LYS C 12 8.47 -11.06 -1.64
C LYS C 12 9.76 -10.43 -2.04
N LEU C 13 9.78 -9.84 -3.23
CA LEU C 13 10.94 -9.17 -3.83
C LEU C 13 10.81 -7.68 -3.67
N LEU C 14 11.93 -6.95 -3.59
CA LEU C 14 11.97 -5.48 -3.43
C LEU C 14 12.61 -4.87 -4.64
N ALA C 15 12.11 -3.70 -5.11
CA ALA C 15 12.67 -3.09 -6.32
C ALA C 15 14.14 -2.75 -6.16
N LYS C 16 14.95 -3.10 -7.17
CA LYS C 16 16.40 -2.93 -7.19
C LYS C 16 16.81 -1.81 -8.09
N ASN C 17 17.52 -0.84 -7.49
CA ASN C 17 18.20 0.32 -8.08
C ASN C 17 17.31 1.19 -8.92
N GLN C 18 16.13 1.50 -8.40
CA GLN C 18 15.19 2.33 -9.12
C GLN C 18 14.68 3.41 -8.23
N ALA C 19 14.89 4.67 -8.64
CA ALA C 19 14.32 5.86 -8.02
C ALA C 19 13.48 6.58 -9.06
N SER C 20 14.06 6.79 -10.23
CA SER C 20 13.43 7.54 -11.29
C SER C 20 12.20 6.82 -11.87
N LEU C 21 11.20 7.63 -12.25
CA LEU C 21 9.92 7.17 -12.78
C LEU C 21 10.01 7.11 -14.30
N CYS C 22 10.55 5.99 -14.76
CA CYS C 22 10.79 5.63 -16.15
C CYS C 22 9.74 4.68 -16.63
N ASN C 23 9.72 4.46 -17.94
CA ASN C 23 8.93 3.43 -18.58
C ASN C 23 9.93 2.33 -18.80
N THR C 24 10.03 1.39 -17.83
CA THR C 24 11.05 0.37 -17.82
C THR C 24 10.59 -0.95 -17.15
N THR C 25 11.34 -2.03 -17.32
CA THR C 25 11.02 -3.30 -16.67
C THR C 25 11.84 -3.29 -15.40
N LEU C 26 11.17 -3.32 -14.24
CA LEU C 26 11.86 -3.26 -12.96
C LEU C 26 12.71 -4.49 -12.69
N ASN C 27 13.79 -4.27 -11.96
CA ASN C 27 14.69 -5.28 -11.43
C ASN C 27 14.37 -5.40 -9.96
N TRP C 28 14.66 -6.56 -9.38
CA TRP C 28 14.27 -6.91 -8.02
C TRP C 28 15.38 -7.57 -7.25
N HIS C 29 15.42 -7.30 -5.92
CA HIS C 29 16.30 -7.93 -4.92
C HIS C 29 15.62 -9.23 -4.56
N SER C 30 16.30 -10.37 -4.71
CA SER C 30 15.73 -11.68 -4.45
C SER C 30 16.65 -12.52 -3.57
N GLN C 31 17.96 -12.19 -3.56
CA GLN C 31 18.91 -12.96 -2.77
C GLN C 31 18.64 -12.77 -1.28
N ASP C 32 18.88 -13.83 -0.52
CA ASP C 32 18.73 -13.86 0.93
C ASP C 32 19.66 -12.81 1.52
N GLY C 33 19.13 -11.97 2.40
CA GLY C 33 19.91 -10.90 2.99
C GLY C 33 19.73 -9.58 2.29
N ALA C 34 19.05 -9.55 1.12
CA ALA C 34 18.81 -8.29 0.38
C ALA C 34 17.56 -7.65 0.97
N GLY C 35 17.76 -6.96 2.09
CA GLY C 35 16.67 -6.39 2.86
C GLY C 35 15.78 -7.51 3.34
N SER C 36 14.48 -7.30 3.32
CA SER C 36 13.50 -8.31 3.71
C SER C 36 13.12 -9.22 2.53
N SER C 37 13.77 -9.12 1.35
CA SER C 37 13.56 -10.04 0.21
C SER C 37 13.56 -11.52 0.63
N TYR C 38 12.58 -12.28 0.16
CA TYR C 38 12.42 -13.71 0.43
C TYR C 38 12.03 -14.43 -0.87
N LEU C 39 12.66 -15.58 -1.14
CA LEU C 39 12.41 -16.44 -2.28
C LEU C 39 12.45 -17.89 -1.78
N SER C 40 11.27 -18.55 -1.71
CA SER C 40 11.17 -19.92 -1.23
C SER C 40 11.68 -20.94 -2.29
N GLN C 41 11.65 -22.24 -1.92
CA GLN C 41 12.18 -23.31 -2.73
C GLN C 41 11.45 -23.53 -4.05
N GLY C 42 10.18 -23.19 -4.19
CA GLY C 42 9.51 -23.49 -5.46
C GLY C 42 9.61 -22.44 -6.54
N LEU C 43 10.58 -21.49 -6.39
CA LEU C 43 10.71 -20.32 -7.25
C LEU C 43 12.14 -19.96 -7.53
N ARG C 44 12.35 -19.12 -8.54
CA ARG C 44 13.67 -18.60 -8.89
C ARG C 44 13.50 -17.27 -9.60
N TYR C 45 14.52 -16.41 -9.51
CA TYR C 45 14.52 -15.09 -10.12
C TYR C 45 15.69 -15.00 -11.08
N GLU C 46 15.37 -14.80 -12.36
CA GLU C 46 16.35 -14.64 -13.42
C GLU C 46 16.66 -13.15 -13.56
N GLU C 47 17.79 -12.72 -12.98
CA GLU C 47 18.24 -11.33 -12.94
C GLU C 47 18.34 -10.71 -14.34
N ASP C 48 18.98 -11.40 -15.29
CA ASP C 48 19.20 -10.92 -16.67
C ASP C 48 17.89 -10.72 -17.47
N LYS C 49 16.83 -11.47 -17.14
CA LYS C 49 15.54 -11.38 -17.84
C LYS C 49 14.51 -10.65 -16.99
N LYS C 50 14.88 -10.32 -15.71
CA LYS C 50 14.05 -9.64 -14.71
C LYS C 50 12.72 -10.39 -14.49
N GLU C 51 12.80 -11.73 -14.48
CA GLU C 51 11.62 -12.57 -14.33
C GLU C 51 11.67 -13.49 -13.12
N LEU C 52 10.51 -13.65 -12.48
CA LEU C 52 10.23 -14.57 -11.41
C LEU C 52 9.65 -15.83 -12.07
N VAL C 53 10.34 -16.97 -11.92
CA VAL C 53 9.91 -18.24 -12.52
C VAL C 53 9.25 -19.12 -11.45
N VAL C 54 7.99 -19.46 -11.68
CA VAL C 54 7.13 -20.33 -10.85
C VAL C 54 7.39 -21.76 -11.32
N ASP C 55 7.83 -22.68 -10.43
CA ASP C 55 8.13 -24.07 -10.84
C ASP C 55 6.89 -24.96 -10.88
N SER C 56 6.00 -24.84 -9.88
CA SER C 56 4.81 -25.67 -9.74
C SER C 56 3.52 -24.94 -10.17
N PRO C 57 2.59 -25.61 -10.89
CA PRO C 57 1.35 -24.93 -11.28
C PRO C 57 0.32 -24.90 -10.14
N GLY C 58 -0.58 -23.93 -10.19
CA GLY C 58 -1.65 -23.78 -9.21
C GLY C 58 -2.21 -22.38 -9.15
N LEU C 59 -3.11 -22.15 -8.18
CA LEU C 59 -3.70 -20.82 -7.94
C LEU C 59 -2.77 -20.03 -7.02
N TYR C 60 -2.25 -18.91 -7.54
CA TYR C 60 -1.31 -18.03 -6.86
C TYR C 60 -1.92 -16.71 -6.51
N TYR C 61 -1.71 -16.25 -5.28
CA TYR C 61 -2.11 -14.92 -4.84
C TYR C 61 -0.95 -14.00 -5.14
N VAL C 62 -1.04 -13.25 -6.26
CA VAL C 62 0.04 -12.36 -6.70
C VAL C 62 -0.24 -10.94 -6.21
N PHE C 63 0.77 -10.24 -5.67
CA PHE C 63 0.59 -8.88 -5.15
C PHE C 63 1.73 -7.96 -5.56
N LEU C 64 1.39 -6.67 -5.70
CA LEU C 64 2.26 -5.56 -6.05
C LEU C 64 1.99 -4.46 -5.11
N GLU C 65 3.02 -3.77 -4.65
CA GLU C 65 2.86 -2.66 -3.72
C GLU C 65 3.74 -1.52 -4.20
N LEU C 66 3.13 -0.41 -4.61
CA LEU C 66 3.82 0.74 -5.15
C LEU C 66 3.95 1.77 -4.10
N LYS C 67 5.20 2.19 -3.84
CA LYS C 67 5.52 3.19 -2.84
C LYS C 67 6.27 4.33 -3.50
N LEU C 68 5.64 5.54 -3.47
CA LEU C 68 6.18 6.77 -4.09
C LEU C 68 6.37 7.87 -3.05
N SER C 69 7.36 8.73 -3.28
CA SER C 69 7.65 9.86 -2.39
C SER C 69 7.97 11.10 -3.18
N PRO C 70 7.49 12.29 -2.73
CA PRO C 70 7.85 13.51 -3.45
C PRO C 70 9.31 13.86 -3.18
N THR C 71 9.95 14.50 -4.15
CA THR C 71 11.37 14.86 -4.07
C THR C 71 11.59 16.35 -3.88
N PHE C 72 10.62 17.15 -4.29
CA PHE C 72 10.68 18.61 -4.25
C PHE C 72 9.84 19.18 -3.10
N THR C 73 10.15 20.41 -2.70
CA THR C 73 9.44 21.07 -1.60
C THR C 73 8.71 22.33 -2.09
N HIS C 77 4.08 25.35 -8.04
CA HIS C 77 4.17 24.42 -9.16
C HIS C 77 3.39 23.13 -8.93
N LYS C 78 2.18 23.08 -9.49
CA LYS C 78 1.25 21.95 -9.43
C LYS C 78 1.74 20.78 -10.34
N VAL C 79 1.97 19.57 -9.78
CA VAL C 79 2.40 18.43 -10.61
C VAL C 79 1.38 17.29 -10.44
N GLN C 80 0.75 16.91 -11.56
CA GLN C 80 -0.27 15.88 -11.62
C GLN C 80 0.12 14.77 -12.60
N GLY C 81 -0.56 13.62 -12.51
CA GLY C 81 -0.34 12.48 -13.39
C GLY C 81 -0.66 11.12 -12.78
N TRP C 82 0.03 10.07 -13.26
CA TRP C 82 -0.14 8.71 -12.76
C TRP C 82 1.13 7.91 -12.88
N VAL C 83 1.26 6.91 -11.99
CA VAL C 83 2.34 5.93 -11.94
C VAL C 83 1.65 4.56 -11.93
N SER C 84 2.27 3.59 -12.61
CA SER C 84 1.70 2.26 -12.73
C SER C 84 2.76 1.15 -12.65
N LEU C 85 2.36 0.02 -12.04
CA LEU C 85 3.09 -1.25 -11.98
C LEU C 85 2.26 -2.29 -12.75
N VAL C 86 2.82 -2.84 -13.83
CA VAL C 86 2.10 -3.79 -14.68
C VAL C 86 2.72 -5.18 -14.59
N LEU C 87 1.89 -6.17 -14.20
CA LEU C 87 2.31 -7.56 -14.14
C LEU C 87 2.38 -8.07 -15.60
N GLN C 88 3.53 -8.60 -15.97
CA GLN C 88 3.84 -9.07 -17.32
C GLN C 88 4.08 -10.57 -17.28
N ALA C 89 3.06 -11.35 -17.67
CA ALA C 89 3.10 -12.82 -17.63
C ALA C 89 3.44 -13.46 -18.97
N LYS C 90 4.39 -14.41 -18.92
CA LYS C 90 4.80 -15.22 -20.07
C LYS C 90 4.66 -16.72 -19.66
N PRO C 91 3.65 -17.49 -20.13
CA PRO C 91 2.56 -17.13 -21.07
C PRO C 91 1.54 -16.20 -20.44
N GLN C 92 0.65 -15.66 -21.26
CA GLN C 92 -0.34 -14.71 -20.76
C GLN C 92 -1.46 -15.42 -20.03
N VAL C 93 -1.97 -14.76 -19.00
CA VAL C 93 -3.14 -15.19 -18.23
C VAL C 93 -4.31 -14.41 -18.83
N ASP C 94 -5.41 -15.08 -19.29
CA ASP C 94 -6.58 -14.47 -19.99
C ASP C 94 -6.81 -12.95 -19.66
N ASP C 95 -6.86 -12.60 -18.35
CA ASP C 95 -7.00 -11.23 -17.85
C ASP C 95 -5.69 -10.46 -18.10
N PHE C 96 -5.68 -9.56 -19.09
CA PHE C 96 -4.49 -8.77 -19.42
C PHE C 96 -4.72 -7.33 -19.00
N ASP C 97 -5.99 -6.93 -19.01
CA ASP C 97 -6.45 -5.58 -18.71
C ASP C 97 -6.26 -5.24 -17.23
N ASN C 98 -7.00 -5.95 -16.35
CA ASN C 98 -6.99 -5.70 -14.92
C ASN C 98 -5.77 -6.31 -14.19
N LEU C 99 -4.57 -6.24 -14.83
CA LEU C 99 -3.32 -6.74 -14.24
C LEU C 99 -2.31 -5.57 -14.08
N ALA C 100 -2.81 -4.42 -13.58
CA ALA C 100 -2.01 -3.24 -13.40
C ALA C 100 -2.46 -2.42 -12.19
N LEU C 101 -1.46 -2.00 -11.38
CA LEU C 101 -1.59 -1.18 -10.20
C LEU C 101 -1.40 0.23 -10.66
N THR C 102 -2.41 1.08 -10.51
CA THR C 102 -2.27 2.45 -10.97
C THR C 102 -2.64 3.42 -9.87
N VAL C 103 -1.74 4.39 -9.66
CA VAL C 103 -1.84 5.48 -8.69
C VAL C 103 -1.96 6.78 -9.44
N GLU C 104 -2.99 7.59 -9.10
CA GLU C 104 -3.16 8.93 -9.67
C GLU C 104 -2.53 9.92 -8.67
N LEU C 105 -1.73 10.87 -9.18
CA LEU C 105 -1.06 11.87 -8.35
C LEU C 105 -1.60 13.24 -8.68
N PHE C 106 -1.86 14.01 -7.62
CA PHE C 106 -2.43 15.36 -7.71
C PHE C 106 -1.50 16.36 -7.07
N PRO C 107 -1.62 17.69 -7.30
CA PRO C 107 -0.75 18.63 -6.58
C PRO C 107 -0.81 18.45 -5.04
N CYS C 108 -1.95 17.93 -4.54
CA CYS C 108 -2.23 17.66 -3.13
C CYS C 108 -1.36 16.54 -2.58
N SER C 109 -1.05 15.57 -3.43
CA SER C 109 -0.34 14.35 -3.09
C SER C 109 1.04 14.60 -2.47
N MET C 110 1.70 15.73 -2.82
CA MET C 110 3.01 16.16 -2.32
C MET C 110 3.01 16.39 -0.81
N GLU C 111 1.81 16.48 -0.17
CA GLU C 111 1.65 16.68 1.28
C GLU C 111 1.93 15.40 2.06
N ASN C 112 1.93 14.26 1.36
CA ASN C 112 2.22 12.95 1.92
C ASN C 112 3.69 12.58 1.76
N LYS C 113 4.35 12.11 2.85
CA LYS C 113 5.74 11.65 2.84
C LYS C 113 5.86 10.38 1.99
N LEU C 114 4.78 9.57 1.97
CA LEU C 114 4.68 8.34 1.19
C LEU C 114 3.28 8.16 0.61
N VAL C 115 3.21 7.86 -0.69
CA VAL C 115 1.98 7.55 -1.42
C VAL C 115 2.11 6.08 -1.77
N ASP C 116 1.36 5.25 -1.02
CA ASP C 116 1.33 3.80 -1.11
C ASP C 116 -0.01 3.31 -1.70
N ARG C 117 0.06 2.27 -2.54
CA ARG C 117 -1.08 1.60 -3.16
C ARG C 117 -0.72 0.16 -3.48
N SER C 118 -1.63 -0.76 -3.17
CA SER C 118 -1.47 -2.18 -3.37
C SER C 118 -2.41 -2.73 -4.41
N TRP C 119 -2.00 -3.84 -4.98
CA TRP C 119 -2.72 -4.62 -5.97
C TRP C 119 -2.53 -6.09 -5.64
N SER C 120 -3.60 -6.87 -5.72
CA SER C 120 -3.55 -8.31 -5.44
C SER C 120 -4.52 -9.04 -6.33
N GLN C 121 -4.12 -10.22 -6.81
CA GLN C 121 -4.96 -11.02 -7.71
C GLN C 121 -4.65 -12.51 -7.59
N LEU C 122 -5.73 -13.33 -7.50
CA LEU C 122 -5.64 -14.80 -7.47
C LEU C 122 -5.59 -15.25 -8.92
N LEU C 123 -4.45 -15.81 -9.34
CA LEU C 123 -4.21 -16.17 -10.72
C LEU C 123 -3.80 -17.62 -10.88
N LEU C 124 -4.30 -18.26 -11.95
CA LEU C 124 -3.92 -19.63 -12.25
C LEU C 124 -2.63 -19.59 -13.05
N LEU C 125 -1.54 -20.12 -12.46
CA LEU C 125 -0.25 -20.13 -13.13
C LEU C 125 0.12 -21.55 -13.52
N LYS C 126 0.79 -21.68 -14.68
CA LYS C 126 1.25 -22.94 -15.25
C LYS C 126 2.68 -23.23 -14.74
N ALA C 127 3.21 -24.43 -15.00
CA ALA C 127 4.57 -24.77 -14.58
C ALA C 127 5.56 -24.00 -15.43
N GLY C 128 6.58 -23.44 -14.79
CA GLY C 128 7.60 -22.64 -15.48
C GLY C 128 7.10 -21.27 -15.90
N HIS C 129 6.07 -20.75 -15.19
CA HIS C 129 5.48 -19.44 -15.48
C HIS C 129 6.49 -18.34 -15.18
N ARG C 130 6.66 -17.43 -16.16
CA ARG C 130 7.58 -16.31 -16.08
C ARG C 130 6.77 -15.06 -15.81
N LEU C 131 7.14 -14.33 -14.74
CA LEU C 131 6.45 -13.12 -14.30
C LEU C 131 7.45 -11.97 -14.13
N SER C 132 7.17 -10.81 -14.73
CA SER C 132 8.02 -9.61 -14.61
C SER C 132 7.14 -8.40 -14.40
N VAL C 133 7.72 -7.29 -13.87
CA VAL C 133 6.92 -6.10 -13.58
C VAL C 133 7.47 -4.89 -14.35
N GLY C 134 6.57 -4.20 -15.04
CA GLY C 134 6.87 -2.99 -15.79
C GLY C 134 6.45 -1.76 -15.02
N LEU C 135 7.32 -0.77 -15.02
CA LEU C 135 7.05 0.50 -14.40
C LEU C 135 6.68 1.43 -15.51
N ARG C 136 5.56 2.12 -15.31
CA ARG C 136 5.01 3.10 -16.23
C ARG C 136 4.66 4.38 -15.47
N ALA C 137 4.83 5.52 -16.12
CA ALA C 137 4.51 6.80 -15.51
C ALA C 137 4.28 7.86 -16.55
N TYR C 138 3.39 8.79 -16.21
CA TYR C 138 3.11 9.98 -17.01
C TYR C 138 2.86 11.13 -16.05
N LEU C 139 3.82 12.07 -16.01
CA LEU C 139 3.73 13.23 -15.12
C LEU C 139 3.88 14.50 -15.93
N HIS C 140 3.05 15.49 -15.61
CA HIS C 140 2.97 16.80 -16.26
C HIS C 140 2.64 17.85 -15.21
N GLY C 141 2.74 19.11 -15.61
CA GLY C 141 2.47 20.22 -14.70
C GLY C 141 3.64 21.13 -14.48
N ALA C 142 4.85 20.65 -14.78
CA ALA C 142 6.10 21.41 -14.66
C ALA C 142 7.14 20.86 -15.63
N GLN C 143 8.23 21.61 -15.89
CA GLN C 143 9.32 21.20 -16.78
C GLN C 143 10.11 20.04 -16.16
N ASP C 144 10.04 19.91 -14.83
CA ASP C 144 10.74 18.94 -14.02
C ASP C 144 9.77 17.89 -13.43
N ALA C 145 8.62 17.70 -14.11
CA ALA C 145 7.52 16.83 -13.71
C ALA C 145 7.98 15.45 -13.24
N TYR C 146 8.71 14.67 -14.07
CA TYR C 146 9.14 13.31 -13.70
C TYR C 146 10.10 13.28 -12.47
N ARG C 147 10.96 14.30 -12.32
CA ARG C 147 11.89 14.39 -11.21
C ARG C 147 11.22 14.66 -9.87
N ASP C 148 9.99 15.18 -9.86
CA ASP C 148 9.24 15.54 -8.64
C ASP C 148 8.74 14.35 -7.83
N TRP C 149 8.66 13.14 -8.42
CA TRP C 149 8.29 11.91 -7.72
C TRP C 149 9.31 10.83 -7.98
N GLU C 150 9.52 10.00 -6.99
CA GLU C 150 10.46 8.90 -7.11
C GLU C 150 9.90 7.71 -6.40
N LEU C 151 10.41 6.50 -6.70
CA LEU C 151 10.05 5.30 -5.94
C LEU C 151 10.67 5.49 -4.56
N SER C 152 9.87 5.31 -3.55
CA SER C 152 10.22 5.54 -2.15
C SER C 152 11.44 4.72 -1.66
N TYR C 153 12.19 5.31 -0.74
CA TYR C 153 13.33 4.74 -0.05
C TYR C 153 13.30 5.25 1.40
N PRO C 154 13.49 4.42 2.44
CA PRO C 154 13.78 2.97 2.43
C PRO C 154 12.56 2.03 2.29
N ASN C 155 11.32 2.49 2.51
CA ASN C 155 10.10 1.67 2.33
C ASN C 155 9.96 1.43 0.82
N THR C 156 10.49 0.32 0.38
CA THR C 156 10.68 -0.07 -1.01
C THR C 156 9.46 -0.76 -1.64
N THR C 157 9.20 -0.43 -2.91
CA THR C 157 8.20 -1.01 -3.81
C THR C 157 8.49 -2.50 -3.83
N SER C 158 7.44 -3.33 -3.75
CA SER C 158 7.60 -4.76 -3.65
C SER C 158 6.68 -5.52 -4.56
N PHE C 159 7.05 -6.75 -4.80
CA PHE C 159 6.32 -7.67 -5.65
C PHE C 159 6.48 -9.06 -5.12
N GLY C 160 5.38 -9.77 -5.01
CA GLY C 160 5.42 -11.13 -4.52
C GLY C 160 4.21 -11.96 -4.84
N LEU C 161 4.26 -13.23 -4.42
CA LEU C 161 3.21 -14.21 -4.63
C LEU C 161 3.30 -15.31 -3.59
N PHE C 162 2.21 -16.08 -3.46
CA PHE C 162 2.00 -17.19 -2.57
C PHE C 162 1.15 -18.23 -3.32
N LEU C 163 1.46 -19.55 -3.18
CA LEU C 163 0.67 -20.61 -3.76
C LEU C 163 -0.46 -20.93 -2.79
N VAL C 164 -1.71 -20.55 -3.14
CA VAL C 164 -2.93 -20.70 -2.33
C VAL C 164 -3.51 -22.13 -2.48
N LYS C 165 -3.55 -22.65 -3.71
CA LYS C 165 -4.05 -23.99 -3.98
C LYS C 165 -3.25 -24.62 -5.11
N PRO C 166 -2.39 -25.63 -4.83
CA PRO C 166 -1.68 -26.31 -5.93
C PRO C 166 -2.65 -27.13 -6.77
N ASP C 167 -2.39 -27.26 -8.09
CA ASP C 167 -3.29 -28.00 -8.98
C ASP C 167 -3.22 -29.51 -8.78
N ASN C 168 -4.37 -30.18 -9.06
CA ASN C 168 -4.61 -31.63 -9.03
C ASN C 168 -6.01 -31.93 -9.59
N CYS D 7 -24.17 -22.79 -15.08
CA CYS D 7 -23.68 -21.88 -14.01
C CYS D 7 -24.26 -20.48 -14.21
N ASP D 8 -23.94 -19.84 -15.33
CA ASP D 8 -24.44 -18.48 -15.65
C ASP D 8 -25.97 -18.52 -15.77
N ASN D 9 -26.50 -19.67 -16.18
CA ASN D 9 -27.95 -19.88 -16.34
C ASN D 9 -28.62 -19.69 -14.98
N CYS D 10 -27.83 -19.51 -13.93
CA CYS D 10 -28.37 -19.36 -12.55
C CYS D 10 -29.18 -18.06 -12.42
N GLN D 11 -30.20 -18.08 -11.56
CA GLN D 11 -31.07 -16.90 -11.30
C GLN D 11 -30.40 -15.88 -10.39
N PRO D 12 -30.89 -14.63 -10.30
CA PRO D 12 -30.36 -13.65 -9.34
C PRO D 12 -30.52 -14.16 -7.91
N GLY D 13 -29.60 -13.77 -7.03
CA GLY D 13 -29.60 -14.17 -5.63
C GLY D 13 -28.73 -15.38 -5.38
N THR D 14 -27.94 -15.75 -6.39
CA THR D 14 -27.04 -16.91 -6.33
C THR D 14 -25.65 -16.58 -6.86
N PHE D 15 -24.73 -17.52 -6.60
CA PHE D 15 -23.36 -17.50 -7.15
C PHE D 15 -23.03 -18.92 -7.63
N CYS D 16 -22.29 -19.07 -8.72
CA CYS D 16 -21.99 -20.42 -9.25
C CYS D 16 -20.54 -20.47 -9.74
N ARG D 17 -19.86 -21.59 -9.53
CA ARG D 17 -18.46 -21.75 -10.00
C ARG D 17 -18.40 -22.88 -11.03
N LYS D 18 -17.73 -22.60 -12.15
CA LYS D 18 -17.56 -23.46 -13.33
C LYS D 18 -17.03 -24.86 -13.01
N TYR D 19 -16.05 -24.96 -12.08
CA TYR D 19 -15.39 -26.21 -11.67
C TYR D 19 -16.39 -27.26 -11.16
N ASN D 20 -17.41 -26.82 -10.39
CA ASN D 20 -18.46 -27.70 -9.88
C ASN D 20 -19.77 -26.90 -9.87
N PRO D 21 -20.47 -26.83 -11.02
CA PRO D 21 -21.71 -26.00 -11.10
C PRO D 21 -22.85 -26.40 -10.17
N VAL D 22 -23.09 -25.54 -9.17
CA VAL D 22 -24.18 -25.57 -8.20
C VAL D 22 -24.58 -24.11 -8.05
N CYS D 23 -25.87 -23.85 -7.87
CA CYS D 23 -26.37 -22.49 -7.75
C CYS D 23 -26.67 -22.17 -6.27
N LYS D 24 -25.60 -21.81 -5.51
CA LYS D 24 -25.64 -21.50 -4.07
C LYS D 24 -26.23 -20.11 -3.83
N SER D 25 -27.09 -19.97 -2.82
CA SER D 25 -27.69 -18.68 -2.50
C SER D 25 -26.63 -17.79 -1.86
N CYS D 26 -26.78 -16.48 -2.05
CA CYS D 26 -25.85 -15.46 -1.58
C CYS D 26 -25.67 -15.49 -0.06
N PRO D 27 -24.41 -15.41 0.44
CA PRO D 27 -24.19 -15.34 1.91
C PRO D 27 -24.95 -14.20 2.59
N PRO D 28 -25.19 -14.27 3.93
CA PRO D 28 -25.99 -13.27 4.65
C PRO D 28 -26.02 -11.82 4.16
N SER D 29 -24.92 -11.02 4.23
CA SER D 29 -24.98 -9.60 3.85
C SER D 29 -24.38 -9.31 2.46
N THR D 30 -24.85 -10.06 1.45
CA THR D 30 -24.43 -9.96 0.04
C THR D 30 -25.66 -10.00 -0.93
N PHE D 31 -25.45 -9.65 -2.20
CA PHE D 31 -26.48 -9.64 -3.23
C PHE D 31 -25.89 -10.02 -4.60
N SER D 32 -26.76 -10.32 -5.58
CA SER D 32 -26.41 -10.67 -6.96
C SER D 32 -27.64 -10.43 -7.81
N SER D 33 -27.61 -9.37 -8.62
CA SER D 33 -28.76 -9.05 -9.48
C SER D 33 -28.73 -9.86 -10.79
N ILE D 34 -27.58 -10.48 -11.14
CA ILE D 34 -27.40 -11.26 -12.37
C ILE D 34 -27.61 -12.79 -12.11
N GLY D 35 -26.71 -13.43 -11.34
CA GLY D 35 -26.83 -14.86 -11.01
C GLY D 35 -25.68 -15.76 -11.43
N GLY D 36 -25.27 -15.67 -12.71
CA GLY D 36 -24.21 -16.48 -13.28
C GLY D 36 -22.83 -16.30 -12.67
N GLN D 37 -22.63 -15.15 -12.00
CA GLN D 37 -21.42 -14.66 -11.32
C GLN D 37 -20.71 -15.71 -10.41
N PRO D 38 -19.35 -15.72 -10.36
CA PRO D 38 -18.65 -16.67 -9.45
C PRO D 38 -18.75 -16.29 -7.95
N ASN D 39 -19.16 -15.05 -7.63
CA ASN D 39 -19.35 -14.59 -6.26
C ASN D 39 -20.53 -13.62 -6.14
N CYS D 40 -20.99 -13.36 -4.92
CA CYS D 40 -22.01 -12.35 -4.69
C CYS D 40 -21.29 -11.06 -4.32
N ASN D 41 -21.92 -9.92 -4.59
CA ASN D 41 -21.39 -8.62 -4.28
C ASN D 41 -21.79 -8.23 -2.87
N ILE D 42 -20.87 -7.63 -2.10
CA ILE D 42 -21.08 -7.15 -0.74
C ILE D 42 -22.06 -5.98 -0.78
N CYS D 43 -22.96 -5.86 0.22
CA CYS D 43 -23.95 -4.79 0.31
C CYS D 43 -23.33 -3.48 0.75
N ARG D 44 -23.82 -2.36 0.16
CA ARG D 44 -23.49 -0.99 0.54
C ARG D 44 -24.23 -0.71 1.84
N VAL D 45 -23.67 0.14 2.67
CA VAL D 45 -24.21 0.58 3.97
C VAL D 45 -24.45 2.08 3.86
N CYS D 46 -25.63 2.54 4.26
CA CYS D 46 -25.99 3.94 4.19
C CYS D 46 -25.97 4.50 5.59
N ALA D 47 -24.94 5.31 5.89
CA ALA D 47 -24.70 5.94 7.19
C ALA D 47 -24.28 7.40 7.03
N GLY D 48 -24.29 8.15 8.14
CA GLY D 48 -23.93 9.57 8.21
C GLY D 48 -24.83 10.50 7.41
N TYR D 49 -24.27 11.07 6.34
CA TYR D 49 -24.97 11.93 5.39
C TYR D 49 -25.94 11.13 4.56
N PHE D 50 -25.65 9.83 4.39
CA PHE D 50 -26.48 8.92 3.61
C PHE D 50 -27.49 8.18 4.48
N ARG D 51 -28.70 8.02 3.96
CA ARG D 51 -29.84 7.31 4.55
C ARG D 51 -30.31 6.24 3.56
N PHE D 52 -30.91 5.14 4.05
CA PHE D 52 -31.42 4.13 3.14
C PHE D 52 -32.70 4.57 2.44
N LYS D 53 -32.80 4.17 1.18
CA LYS D 53 -33.97 4.23 0.33
C LYS D 53 -34.38 2.74 0.24
N LYS D 54 -33.57 1.94 -0.48
CA LYS D 54 -33.76 0.51 -0.61
C LYS D 54 -32.79 -0.21 0.31
N PHE D 55 -33.27 -1.21 1.06
CA PHE D 55 -32.40 -2.01 1.91
C PHE D 55 -31.84 -3.15 1.06
N CYS D 56 -30.72 -3.77 1.50
CA CYS D 56 -30.14 -4.86 0.73
C CYS D 56 -30.96 -6.14 0.84
N SER D 57 -31.07 -6.83 -0.30
CA SER D 57 -31.70 -8.14 -0.44
C SER D 57 -30.75 -9.00 -1.24
N SER D 58 -31.05 -10.28 -1.44
CA SER D 58 -30.19 -11.19 -2.21
C SER D 58 -30.10 -10.81 -3.69
N THR D 59 -31.03 -9.99 -4.19
CA THR D 59 -31.04 -9.66 -5.61
C THR D 59 -30.79 -8.21 -5.90
N HIS D 60 -30.76 -7.35 -4.86
CA HIS D 60 -30.49 -5.93 -5.06
C HIS D 60 -29.67 -5.34 -3.92
N ASN D 61 -28.78 -4.41 -4.28
CA ASN D 61 -27.96 -3.69 -3.32
C ASN D 61 -28.80 -2.71 -2.55
N ALA D 62 -28.32 -2.29 -1.37
CA ALA D 62 -28.94 -1.19 -0.67
C ALA D 62 -28.73 0.04 -1.54
N GLU D 63 -29.68 0.98 -1.53
CA GLU D 63 -29.58 2.23 -2.28
C GLU D 63 -29.62 3.36 -1.29
N CYS D 64 -28.70 4.32 -1.43
CA CYS D 64 -28.64 5.46 -0.51
C CYS D 64 -29.36 6.66 -1.09
N GLU D 65 -29.67 7.57 -0.18
CA GLU D 65 -30.21 8.91 -0.36
C GLU D 65 -29.49 9.74 0.67
N CYS D 66 -29.63 11.06 0.66
CA CYS D 66 -28.96 11.88 1.65
C CYS D 66 -29.95 12.32 2.69
N ILE D 67 -29.48 12.55 3.92
CA ILE D 67 -30.31 13.03 5.01
C ILE D 67 -30.90 14.42 4.64
N GLU D 68 -32.04 14.80 5.26
CA GLU D 68 -32.74 16.07 4.98
C GLU D 68 -31.80 17.28 5.15
N GLY D 69 -31.78 18.13 4.12
CA GLY D 69 -30.93 19.31 4.00
C GLY D 69 -29.83 19.08 3.00
N PHE D 70 -29.67 17.82 2.55
CA PHE D 70 -28.65 17.41 1.60
C PHE D 70 -29.27 16.58 0.50
N HIS D 71 -28.66 16.60 -0.69
CA HIS D 71 -29.09 15.82 -1.86
C HIS D 71 -27.93 14.99 -2.42
N CYS D 72 -28.25 13.95 -3.21
CA CYS D 72 -27.25 13.08 -3.83
C CYS D 72 -26.50 13.79 -4.94
N LEU D 73 -25.26 13.36 -5.16
CA LEU D 73 -24.38 13.78 -6.25
C LEU D 73 -23.67 12.52 -6.73
N GLY D 74 -23.73 12.29 -8.04
CA GLY D 74 -23.13 11.12 -8.64
C GLY D 74 -24.15 10.09 -9.09
N PRO D 75 -23.73 9.11 -9.93
CA PRO D 75 -24.70 8.12 -10.43
C PRO D 75 -25.32 7.27 -9.32
N GLN D 76 -24.48 6.69 -8.43
CA GLN D 76 -24.93 5.80 -7.37
C GLN D 76 -24.94 6.51 -6.01
N CYS D 77 -25.12 7.85 -6.00
CA CYS D 77 -25.16 8.71 -4.79
C CYS D 77 -23.89 8.46 -3.95
N THR D 78 -22.73 8.75 -4.55
CA THR D 78 -21.42 8.53 -3.96
C THR D 78 -21.00 9.69 -3.04
N ARG D 79 -21.65 10.84 -3.19
CA ARG D 79 -21.38 12.03 -2.39
C ARG D 79 -22.67 12.79 -2.11
N CYS D 80 -22.69 13.57 -1.01
CA CYS D 80 -23.82 14.41 -0.61
C CYS D 80 -23.42 15.87 -0.70
N GLU D 81 -24.34 16.69 -1.19
CA GLU D 81 -24.16 18.14 -1.31
C GLU D 81 -25.28 18.80 -0.55
N LYS D 82 -24.98 19.91 0.10
CA LYS D 82 -25.95 20.72 0.85
C LYS D 82 -27.00 21.28 -0.11
N ASP D 83 -28.28 21.30 0.31
CA ASP D 83 -29.37 21.86 -0.51
C ASP D 83 -29.12 23.35 -0.70
N CYS D 84 -29.45 23.89 -1.87
CA CYS D 84 -29.33 25.37 -2.03
C CYS D 84 -30.72 25.94 -1.77
N ARG D 85 -31.54 26.04 -2.82
CA ARG D 85 -32.97 26.44 -2.71
C ARG D 85 -33.69 25.96 -3.98
N PRO D 86 -35.02 25.77 -3.95
CA PRO D 86 -35.78 25.36 -5.14
C PRO D 86 -36.47 26.56 -5.80
N GLY D 87 -36.16 27.77 -5.33
CA GLY D 87 -36.77 29.03 -5.79
C GLY D 87 -36.51 29.38 -7.26
N GLN D 88 -35.42 28.86 -7.84
CA GLN D 88 -35.03 29.14 -9.25
C GLN D 88 -34.70 30.63 -9.43
N GLU D 89 -34.11 31.22 -8.39
CA GLU D 89 -33.65 32.63 -8.36
C GLU D 89 -32.11 32.62 -8.44
N LEU D 90 -31.55 31.49 -8.89
CA LEU D 90 -30.09 31.22 -9.04
C LEU D 90 -29.39 31.34 -7.69
N THR D 91 -30.06 30.87 -6.62
CA THR D 91 -29.56 30.90 -5.22
C THR D 91 -30.35 29.89 -4.38
C1 NAG E . -11.25 7.41 18.66
C2 NAG E . -11.95 8.74 18.97
C3 NAG E . -10.98 9.91 18.90
C4 NAG E . -9.63 9.63 19.59
C5 NAG E . -9.10 8.23 19.24
C6 NAG E . -7.80 7.85 19.96
C7 NAG E . -14.34 8.82 18.43
C8 NAG E . -15.21 8.11 17.43
N2 NAG E . -13.06 8.96 18.06
O3 NAG E . -11.62 11.07 19.45
O4 NAG E . -8.69 10.61 19.16
O5 NAG E . -10.11 7.25 19.50
O6 NAG E . -7.20 6.77 19.25
O7 NAG E . -14.77 9.23 19.49
C1 NAG E . -8.29 11.61 20.08
C2 NAG E . -6.99 12.21 19.55
C3 NAG E . -6.63 13.50 20.31
C4 NAG E . -7.81 14.43 20.61
C5 NAG E . -9.04 13.68 21.11
C6 NAG E . -10.29 14.57 21.16
C7 NAG E . -4.71 11.18 19.24
C8 NAG E . -4.19 10.21 18.24
N2 NAG E . -6.00 11.14 19.61
O3 NAG E . -5.64 14.21 19.56
O4 NAG E . -7.42 15.40 21.58
O5 NAG E . -9.32 12.59 20.22
O6 NAG E . -11.49 13.82 20.93
O7 NAG E . -3.93 11.94 19.78
C1 BMA E . -7.13 16.73 21.16
C2 BMA E . -7.85 17.69 22.10
C3 BMA E . -7.40 19.15 21.88
C4 BMA E . -5.90 19.33 21.62
C5 BMA E . -5.34 18.26 20.67
C6 BMA E . -3.83 18.34 20.50
O2 BMA E . -7.61 17.29 23.45
O3 BMA E . -7.81 19.97 22.99
O4 BMA E . -5.70 20.63 21.07
O5 BMA E . -5.72 16.96 21.14
O6 BMA E . -3.20 17.15 20.99
C1 NAG F . 5.60 6.43 -20.53
C2 NAG F . 5.91 7.83 -21.06
C3 NAG F . 4.63 8.67 -21.12
C4 NAG F . 3.42 7.92 -21.71
C5 NAG F . 3.31 6.50 -21.15
C6 NAG F . 2.20 5.66 -21.77
C7 NAG F . 8.12 8.72 -20.58
C8 NAG F . 9.14 8.59 -19.48
N2 NAG F . 6.86 8.51 -20.22
O3 NAG F . 4.91 9.89 -21.84
O4 NAG F . 2.22 8.64 -21.40
O5 NAG F . 4.55 5.82 -21.31
O6 NAG F . 1.91 4.57 -20.88
O7 NAG F . 8.45 9.00 -21.74
C1 NAG F . 1.57 9.34 -22.42
C2 NAG F . 0.15 9.60 -21.94
C3 NAG F . -0.59 10.61 -22.85
C4 NAG F . 0.27 11.83 -23.25
C5 NAG F . 1.68 11.42 -23.68
C6 NAG F . 2.62 12.61 -23.86
C7 NAG F . -1.69 8.04 -21.26
C8 NAG F . -2.23 6.68 -21.56
N2 NAG F . -0.50 8.30 -21.84
O3 NAG F . -1.80 11.08 -22.24
O4 NAG F . -0.34 12.52 -24.35
O5 NAG F . 2.27 10.56 -22.69
O6 NAG F . 3.98 12.16 -23.82
O7 NAG F . -2.26 8.81 -20.50
C1 BMA F . -1.07 13.70 -24.09
C2 BMA F . -0.60 14.76 -25.09
C3 BMA F . -1.53 15.99 -25.07
C4 BMA F . -3.03 15.68 -25.02
C5 BMA F . -3.34 14.56 -24.00
C6 BMA F . -4.80 14.10 -24.06
O2 BMA F . -0.54 14.19 -26.41
O3 BMA F . -1.23 16.85 -26.19
O4 BMA F . -3.74 16.86 -24.62
O5 BMA F . -2.48 13.45 -24.24
O6 BMA F . -5.48 14.55 -22.88
#